data_8U0H
#
_entry.id   8U0H
#
_cell.length_a   77.180
_cell.length_b   126.510
_cell.length_c   150.210
_cell.angle_alpha   90.000
_cell.angle_beta   90.000
_cell.angle_gamma   90.000
#
_symmetry.space_group_name_H-M   'C 2 2 21'
#
loop_
_entity.id
_entity.type
_entity.pdbx_description
1 polymer PTPN2
2 non-polymer '(5P)-3-(carboxymethoxy)-4-chloro-5-(3-{[(4S)-1-({3-[2-(4-{3-[(3R)-2,6-dioxopiperidin-3-yl]-2-oxo-2,3-dihydro-1,3-benzoxazol-6-yl}piperidin-1-yl)acetamido]phenyl}methanesulfonyl)-2,2-dimethylpiperidin-4-yl]amino}phenyl)thiophene-2-carboxylic acid'
3 non-polymer 'ACETATE ION'
4 non-polymer 'SODIUM ION'
5 water water
#
_entity_poly.entity_id   1
_entity_poly.type   'polypeptide(L)'
_entity_poly.pdbx_seq_one_letter_code
;MAMPTTIEREFEELDTQRRWQPLYLEIRNESHDYPHRVAKFPENRNRNRYRDVSPYDHSRVKLQNAENDYINASLVDIEE
AQRSYILTQGPLPNTCCHFWLMVWQQKTKAVVMLNRIVEKESVKCAQYWPTDDQEMLFKETGFSVKLLSEDVKSYYTVHL
LQLENINSGETRTISHFHYTTWPDFGVPESPASFLNFLFKVRESGSLNPDHGPAVIHCSAGIGRSGTFSLVDTCLVLMEK
GDDINIKQVLLNMRKYRMGLIQTPDQLRFSYMAIIEGAKCIKGDSSIQKRWKELSKEDLSPAFDHSPNKIMTEKYNHHHH
HHHH
;
_entity_poly.pdbx_strand_id   A,B
#
loop_
_chem_comp.id
_chem_comp.type
_chem_comp.name
_chem_comp.formula
ACT non-polymer 'ACETATE ION' 'C2 H3 O2 -1'
NA non-polymer 'SODIUM ION' 'Na 1'
UB0 non-polymer '(5P)-3-(carboxymethoxy)-4-chloro-5-(3-{[(4S)-1-({3-[2-(4-{3-[(3R)-2,6-dioxopiperidin-3-yl]-2-oxo-2,3-dihydro-1,3-benzoxazol-6-yl}piperidin-1-yl)acetamido]phenyl}methanesulfonyl)-2,2-dimethylpiperidin-4-yl]amino}phenyl)thiophene-2-carboxylic acid' 'C46 H49 Cl N6 O12 S2'
#
# COMPACT_ATOMS: atom_id res chain seq x y z
N MET A 3 -29.78 11.02 -24.16
CA MET A 3 -28.31 11.20 -24.31
C MET A 3 -27.57 10.60 -23.12
N PRO A 4 -26.42 9.96 -23.36
CA PRO A 4 -25.68 9.31 -22.28
C PRO A 4 -25.14 10.26 -21.20
N THR A 5 -25.26 9.86 -19.93
CA THR A 5 -24.70 10.66 -18.83
C THR A 5 -23.17 10.48 -18.80
N THR A 6 -22.49 11.32 -18.03
CA THR A 6 -21.02 11.23 -17.91
C THR A 6 -20.66 9.84 -17.37
N ILE A 7 -21.37 9.38 -16.34
CA ILE A 7 -21.04 8.07 -15.71
C ILE A 7 -21.37 6.96 -16.71
N GLU A 8 -22.44 7.13 -17.46
CA GLU A 8 -22.79 6.11 -18.47
C GLU A 8 -21.68 6.05 -19.52
N ARG A 9 -21.20 7.19 -19.99
CA ARG A 9 -20.11 7.14 -20.99
C ARG A 9 -18.85 6.53 -20.39
N GLU A 10 -18.57 6.85 -19.15
CA GLU A 10 -17.39 6.30 -18.46
C GLU A 10 -17.54 4.77 -18.40
N PHE A 11 -18.71 4.29 -17.99
CA PHE A 11 -18.92 2.86 -17.88
C PHE A 11 -18.68 2.16 -19.21
N GLU A 12 -19.23 2.73 -20.28
CA GLU A 12 -19.10 2.15 -21.62
C GLU A 12 -17.63 2.07 -22.04
N GLU A 13 -16.86 3.10 -21.73
CA GLU A 13 -15.48 3.04 -22.17
C GLU A 13 -14.70 2.02 -21.34
N LEU A 14 -14.96 1.95 -20.03
CA LEU A 14 -14.25 0.98 -19.19
C LEU A 14 -14.61 -0.44 -19.59
N ASP A 15 -15.89 -0.70 -19.84
CA ASP A 15 -16.36 -2.06 -20.23
C ASP A 15 -15.85 -2.41 -21.63
N THR A 16 -15.82 -1.47 -22.57
N THR A 16 -15.82 -1.45 -22.55
CA THR A 16 -15.34 -1.85 -23.94
CA THR A 16 -15.36 -1.76 -23.93
C THR A 16 -13.82 -2.00 -23.98
C THR A 16 -13.84 -1.98 -23.96
N GLN A 17 -13.09 -1.23 -23.17
CA GLN A 17 -11.61 -1.35 -23.17
C GLN A 17 -11.13 -2.32 -22.09
N ARG A 18 -12.06 -2.91 -21.34
CA ARG A 18 -11.72 -3.83 -20.22
C ARG A 18 -10.66 -3.17 -19.31
N ARG A 19 -10.98 -2.01 -18.77
CA ARG A 19 -10.02 -1.27 -17.91
C ARG A 19 -10.50 -1.20 -16.46
N TRP A 20 -11.37 -2.10 -16.01
CA TRP A 20 -11.82 -2.05 -14.61
C TRP A 20 -10.66 -2.38 -13.69
N GLN A 21 -9.93 -3.42 -14.08
CA GLN A 21 -8.79 -3.96 -13.31
C GLN A 21 -7.82 -2.81 -13.13
N PRO A 22 -7.20 -1.98 -14.21
CA PRO A 22 -6.38 -0.77 -14.07
C PRO A 22 -7.03 0.35 -13.28
N LEU A 23 -8.32 0.61 -13.48
CA LEU A 23 -8.98 1.64 -12.69
C LEU A 23 -8.96 1.28 -11.21
N TYR A 24 -9.22 0.02 -10.90
CA TYR A 24 -9.24 -0.40 -9.47
C TYR A 24 -7.85 -0.19 -8.86
N LEU A 25 -6.81 -0.58 -9.57
CA LEU A 25 -5.43 -0.43 -9.02
C LEU A 25 -5.06 1.05 -8.88
N GLU A 26 -5.58 1.90 -9.74
CA GLU A 26 -5.36 3.35 -9.61
C GLU A 26 -5.96 3.83 -8.29
N ILE A 27 -7.11 3.30 -7.92
CA ILE A 27 -7.78 3.72 -6.65
C ILE A 27 -6.94 3.27 -5.46
N ARG A 28 -6.42 2.05 -5.52
CA ARG A 28 -5.53 1.57 -4.44
C ARG A 28 -4.32 2.50 -4.39
N ASN A 29 -3.78 2.83 -5.55
CA ASN A 29 -2.57 3.66 -5.59
C ASN A 29 -2.85 5.08 -5.15
N GLU A 30 -4.08 5.57 -5.31
CA GLU A 30 -4.38 6.95 -4.94
C GLU A 30 -4.98 7.07 -3.55
N SER A 31 -5.16 5.95 -2.89
CA SER A 31 -5.72 5.94 -1.52
C SER A 31 -4.67 6.45 -0.53
N HIS A 32 -5.13 7.09 0.54
CA HIS A 32 -4.20 7.67 1.54
C HIS A 32 -4.17 6.81 2.79
N ASP A 33 -2.97 6.49 3.26
CA ASP A 33 -2.83 5.73 4.51
C ASP A 33 -2.86 6.70 5.68
N TYR A 34 -3.47 6.30 6.77
CA TYR A 34 -3.56 7.10 7.99
C TYR A 34 -3.14 6.19 9.12
N PRO A 35 -2.73 6.77 10.25
CA PRO A 35 -2.45 5.97 11.45
C PRO A 35 -3.63 5.08 11.82
N HIS A 36 -3.31 3.82 12.09
CA HIS A 36 -4.25 2.85 12.66
C HIS A 36 -3.53 2.08 13.78
N ARG A 37 -3.03 2.83 14.75
CA ARG A 37 -2.12 2.26 15.72
C ARG A 37 -2.82 1.57 16.87
N VAL A 38 -4.01 2.06 17.25
CA VAL A 38 -4.73 1.43 18.37
C VAL A 38 -5.09 -0.01 18.00
N ALA A 39 -5.46 -0.21 16.73
CA ALA A 39 -5.83 -1.55 16.26
C ALA A 39 -4.66 -2.53 16.46
N LYS A 40 -3.43 -2.02 16.52
CA LYS A 40 -2.21 -2.86 16.64
C LYS A 40 -1.74 -3.04 18.08
N PHE A 41 -2.43 -2.47 19.07
CA PHE A 41 -2.01 -2.72 20.47
C PHE A 41 -2.13 -4.22 20.76
N PRO A 42 -1.24 -4.80 21.59
CA PRO A 42 -1.27 -6.23 21.88
C PRO A 42 -2.61 -6.71 22.45
N GLU A 43 -3.25 -5.89 23.28
CA GLU A 43 -4.57 -6.21 23.89
C GLU A 43 -5.68 -6.30 22.84
N ASN A 44 -5.53 -5.65 21.69
CA ASN A 44 -6.55 -5.65 20.60
C ASN A 44 -6.28 -6.74 19.55
N ARG A 45 -5.25 -7.56 19.73
CA ARG A 45 -4.95 -8.62 18.74
C ARG A 45 -6.16 -9.53 18.52
N ASN A 46 -6.83 -9.93 19.60
CA ASN A 46 -8.00 -10.85 19.50
C ASN A 46 -9.30 -10.11 19.15
N ARG A 47 -9.27 -8.79 18.95
CA ARG A 47 -10.48 -8.04 18.57
C ARG A 47 -10.51 -7.79 17.05
N ASN A 48 -9.49 -8.22 16.33
CA ASN A 48 -9.44 -8.02 14.86
C ASN A 48 -9.59 -9.37 14.14
N ARG A 49 -10.50 -9.42 13.18
CA ARG A 49 -10.68 -10.67 12.43
C ARG A 49 -9.55 -10.86 11.43
N TYR A 50 -9.10 -9.77 10.80
CA TYR A 50 -8.07 -9.81 9.77
C TYR A 50 -6.95 -8.84 10.15
N ARG A 51 -5.74 -9.35 10.19
CA ARG A 51 -4.57 -8.52 10.59
C ARG A 51 -4.38 -7.33 9.65
N ASP A 52 -4.80 -7.42 8.39
CA ASP A 52 -4.54 -6.33 7.42
C ASP A 52 -5.72 -5.35 7.28
N VAL A 53 -6.77 -5.52 8.06
CA VAL A 53 -7.93 -4.65 7.94
C VAL A 53 -8.19 -4.03 9.29
N SER A 54 -7.89 -2.73 9.43
CA SER A 54 -7.91 -2.02 10.71
C SER A 54 -8.65 -0.69 10.56
N PRO A 55 -9.42 -0.24 11.56
CA PRO A 55 -9.94 1.12 11.51
C PRO A 55 -8.81 2.15 11.70
N TYR A 56 -8.98 3.32 11.09
CA TYR A 56 -8.04 4.42 11.31
C TYR A 56 -8.30 5.06 12.66
N ASP A 57 -7.26 5.59 13.29
CA ASP A 57 -7.41 6.18 14.64
C ASP A 57 -8.31 7.41 14.62
N HIS A 58 -8.33 8.12 13.48
N HIS A 58 -8.33 8.12 13.48
CA HIS A 58 -9.13 9.38 13.36
CA HIS A 58 -9.13 9.37 13.37
C HIS A 58 -10.60 9.12 13.02
C HIS A 58 -10.60 9.12 13.02
N SER A 59 -10.99 7.86 12.81
CA SER A 59 -12.40 7.56 12.44
C SER A 59 -12.97 6.35 13.18
N ARG A 60 -12.17 5.69 14.03
CA ARG A 60 -12.68 4.47 14.63
C ARG A 60 -13.78 4.80 15.61
N VAL A 61 -14.72 3.86 15.74
CA VAL A 61 -15.79 4.00 16.73
C VAL A 61 -15.25 3.59 18.09
N LYS A 62 -15.44 4.43 19.09
CA LYS A 62 -14.91 4.11 20.42
C LYS A 62 -16.05 3.60 21.32
N LEU A 63 -15.79 2.53 22.06
CA LEU A 63 -16.73 2.02 23.04
C LEU A 63 -16.63 2.92 24.26
N GLN A 64 -17.72 3.58 24.59
CA GLN A 64 -17.73 4.55 25.71
C GLN A 64 -17.74 3.85 27.07
N ASN A 65 -17.11 4.46 28.06
CA ASN A 65 -17.15 3.97 29.45
C ASN A 65 -16.67 2.52 29.58
N ALA A 66 -15.67 2.15 28.79
CA ALA A 66 -15.14 0.80 28.82
C ALA A 66 -13.64 0.89 29.09
N GLU A 67 -13.08 -0.10 29.80
CA GLU A 67 -11.64 -0.03 30.05
C GLU A 67 -10.87 -0.11 28.74
N ASN A 68 -11.30 -0.99 27.83
CA ASN A 68 -10.74 -1.03 26.46
C ASN A 68 -11.81 -0.52 25.50
N ASP A 69 -11.57 0.64 24.89
CA ASP A 69 -12.56 1.27 24.04
C ASP A 69 -12.53 0.76 22.59
N TYR A 70 -11.75 -0.28 22.30
CA TYR A 70 -11.48 -0.65 20.92
C TYR A 70 -12.48 -1.66 20.33
N ILE A 71 -12.97 -1.32 19.14
CA ILE A 71 -13.74 -2.20 18.26
C ILE A 71 -13.29 -1.91 16.83
N ASN A 72 -13.19 -2.98 16.03
CA ASN A 72 -12.84 -2.80 14.61
C ASN A 72 -14.07 -2.30 13.87
N ALA A 73 -14.25 -0.98 13.89
CA ALA A 73 -15.43 -0.34 13.33
C ALA A 73 -15.04 1.10 13.08
N SER A 74 -15.56 1.68 11.99
CA SER A 74 -15.17 2.99 11.50
C SER A 74 -16.43 3.81 11.26
N LEU A 75 -16.40 5.07 11.67
CA LEU A 75 -17.52 5.98 11.39
C LEU A 75 -17.23 6.66 10.05
N VAL A 76 -18.04 6.39 9.04
CA VAL A 76 -17.84 6.95 7.71
C VAL A 76 -18.80 8.13 7.58
N ASP A 77 -18.26 9.35 7.51
CA ASP A 77 -19.06 10.57 7.65
C ASP A 77 -18.72 11.47 6.47
N ILE A 78 -19.51 11.38 5.40
CA ILE A 78 -19.37 12.29 4.26
C ILE A 78 -20.30 13.48 4.52
N GLU A 79 -19.69 14.64 4.78
CA GLU A 79 -20.45 15.86 5.15
C GLU A 79 -21.46 16.25 4.07
N GLU A 80 -21.02 16.29 2.81
CA GLU A 80 -21.92 16.66 1.71
C GLU A 80 -23.17 15.79 1.67
N ALA A 81 -23.08 14.56 2.15
CA ALA A 81 -24.23 13.67 2.10
C ALA A 81 -25.13 13.77 3.32
N GLN A 82 -24.64 14.36 4.41
CA GLN A 82 -25.38 14.43 5.67
C GLN A 82 -25.88 13.05 6.07
N ARG A 83 -25.13 12.01 5.68
CA ARG A 83 -25.40 10.61 6.00
C ARG A 83 -24.11 10.00 6.54
N SER A 84 -24.15 9.52 7.77
CA SER A 84 -23.02 8.83 8.36
C SER A 84 -23.43 7.39 8.62
N TYR A 85 -22.48 6.48 8.41
CA TYR A 85 -22.64 5.04 8.61
C TYR A 85 -21.47 4.53 9.42
N ILE A 86 -21.67 3.40 10.07
CA ILE A 86 -20.57 2.67 10.70
C ILE A 86 -20.34 1.41 9.86
N LEU A 87 -19.09 1.21 9.43
CA LEU A 87 -18.70 -0.02 8.75
C LEU A 87 -17.87 -0.83 9.74
N THR A 88 -18.20 -2.12 9.88
CA THR A 88 -17.46 -2.92 10.83
C THR A 88 -17.26 -4.33 10.27
N GLN A 89 -16.33 -5.07 10.88
CA GLN A 89 -16.13 -6.47 10.54
C GLN A 89 -17.25 -7.32 11.10
N GLY A 90 -17.38 -8.56 10.59
CA GLY A 90 -18.25 -9.52 11.21
C GLY A 90 -17.75 -9.81 12.61
N PRO A 91 -18.59 -9.65 13.63
CA PRO A 91 -18.10 -9.79 15.01
C PRO A 91 -17.55 -11.19 15.26
N LEU A 92 -16.53 -11.26 16.08
CA LEU A 92 -15.94 -12.51 16.56
C LEU A 92 -16.72 -12.98 17.79
N PRO A 93 -16.59 -14.24 18.19
CA PRO A 93 -17.32 -14.70 19.40
C PRO A 93 -17.05 -13.81 20.61
N ASN A 94 -15.82 -13.34 20.74
CA ASN A 94 -15.44 -12.47 21.89
C ASN A 94 -15.76 -10.99 21.65
N THR A 95 -16.16 -10.59 20.44
CA THR A 95 -16.53 -9.18 20.27
C THR A 95 -18.01 -8.96 19.98
N CYS A 96 -18.85 -10.00 19.93
CA CYS A 96 -20.30 -9.77 19.81
C CYS A 96 -20.82 -8.83 20.90
N CYS A 97 -20.29 -8.97 22.11
CA CYS A 97 -20.69 -8.12 23.25
C CYS A 97 -20.35 -6.66 22.94
N HIS A 98 -19.19 -6.40 22.35
CA HIS A 98 -18.76 -5.03 21.99
C HIS A 98 -19.65 -4.52 20.86
N PHE A 99 -19.96 -5.40 19.93
CA PHE A 99 -20.79 -5.02 18.79
C PHE A 99 -22.13 -4.46 19.28
N TRP A 100 -22.80 -5.21 20.15
CA TRP A 100 -24.10 -4.73 20.64
C TRP A 100 -23.96 -3.52 21.53
N LEU A 101 -22.87 -3.44 22.32
CA LEU A 101 -22.61 -2.21 23.07
C LEU A 101 -22.53 -1.00 22.15
N MET A 102 -21.78 -1.14 21.04
CA MET A 102 -21.67 -0.06 20.07
C MET A 102 -23.03 0.29 19.48
N VAL A 103 -23.79 -0.74 19.07
CA VAL A 103 -25.11 -0.48 18.51
C VAL A 103 -25.95 0.34 19.50
N TRP A 104 -25.91 -0.05 20.76
CA TRP A 104 -26.67 0.69 21.79
C TRP A 104 -26.18 2.13 21.91
N GLN A 105 -24.89 2.31 22.16
CA GLN A 105 -24.30 3.65 22.39
C GLN A 105 -24.48 4.55 21.18
N GLN A 106 -24.43 4.01 19.98
CA GLN A 106 -24.56 4.84 18.80
C GLN A 106 -26.00 5.14 18.45
N LYS A 107 -26.97 4.62 19.21
CA LYS A 107 -28.40 4.75 18.91
C LYS A 107 -28.76 4.22 17.52
N THR A 108 -28.02 3.21 17.09
CA THR A 108 -28.27 2.55 15.82
C THR A 108 -29.65 1.90 15.78
N LYS A 109 -30.36 2.09 14.67
CA LYS A 109 -31.66 1.47 14.44
C LYS A 109 -31.59 0.28 13.47
N ALA A 110 -30.64 0.26 12.55
CA ALA A 110 -30.59 -0.82 11.59
C ALA A 110 -29.19 -1.38 11.52
N VAL A 111 -29.11 -2.70 11.41
CA VAL A 111 -27.86 -3.39 11.16
C VAL A 111 -27.99 -4.03 9.78
N VAL A 112 -27.04 -3.77 8.90
CA VAL A 112 -27.08 -4.35 7.55
C VAL A 112 -25.98 -5.40 7.46
N MET A 113 -26.37 -6.66 7.24
CA MET A 113 -25.43 -7.76 7.24
C MET A 113 -25.37 -8.34 5.84
N LEU A 114 -24.19 -8.28 5.22
CA LEU A 114 -24.10 -8.60 3.80
C LEU A 114 -23.49 -9.96 3.53
N ASN A 115 -23.10 -10.69 4.57
CA ASN A 115 -22.41 -11.96 4.45
C ASN A 115 -23.29 -13.08 5.02
N ARG A 116 -22.98 -14.31 4.61
CA ARG A 116 -23.50 -15.46 5.34
C ARG A 116 -22.49 -15.84 6.43
N ILE A 117 -22.94 -16.62 7.41
CA ILE A 117 -22.08 -16.97 8.53
C ILE A 117 -20.92 -17.83 8.06
N VAL A 118 -21.18 -18.76 7.16
CA VAL A 118 -20.18 -19.67 6.64
C VAL A 118 -20.10 -19.44 5.15
N GLU A 119 -18.90 -19.18 4.66
CA GLU A 119 -18.69 -18.91 3.22
C GLU A 119 -17.34 -19.51 2.84
N LYS A 120 -17.29 -20.15 1.68
CA LYS A 120 -16.03 -20.70 1.12
C LYS A 120 -15.29 -21.50 2.19
N GLU A 121 -16.00 -22.42 2.82
CA GLU A 121 -15.52 -23.35 3.84
C GLU A 121 -14.86 -22.66 5.02
N SER A 122 -15.30 -21.46 5.40
CA SER A 122 -14.81 -20.92 6.66
C SER A 122 -15.87 -20.03 7.32
N VAL A 123 -15.74 -19.86 8.62
CA VAL A 123 -16.68 -19.06 9.39
C VAL A 123 -16.30 -17.60 9.25
N LYS A 124 -17.22 -16.77 8.78
CA LYS A 124 -16.91 -15.35 8.49
C LYS A 124 -17.45 -14.40 9.55
N CYS A 125 -18.23 -14.90 10.50
CA CYS A 125 -18.98 -14.04 11.38
C CYS A 125 -19.58 -14.92 12.46
N ALA A 126 -19.59 -14.41 13.69
CA ALA A 126 -20.22 -15.17 14.76
C ALA A 126 -21.72 -15.01 14.65
N GLN A 127 -22.43 -15.99 15.21
CA GLN A 127 -23.91 -15.94 15.28
C GLN A 127 -24.22 -15.00 16.44
N TYR A 128 -24.36 -13.72 16.14
CA TYR A 128 -24.51 -12.70 17.16
C TYR A 128 -25.97 -12.33 17.43
N TRP A 129 -26.92 -12.99 16.77
CA TRP A 129 -28.34 -12.80 17.06
C TRP A 129 -28.96 -14.19 17.10
N PRO A 130 -30.10 -14.50 17.90
CA PRO A 130 -31.01 -15.87 18.19
C PRO A 130 -31.66 -16.15 16.83
N THR A 131 -31.49 -17.38 16.36
CA THR A 131 -32.21 -17.83 15.16
C THR A 131 -33.58 -18.39 15.62
N ASP A 132 -33.75 -18.61 16.93
CA ASP A 132 -34.96 -19.20 17.55
C ASP A 132 -35.58 -18.25 18.58
N ASP A 133 -36.37 -18.78 19.51
CA ASP A 133 -37.05 -17.91 20.50
C ASP A 133 -36.24 -17.78 21.79
N GLN A 134 -35.04 -18.34 21.84
CA GLN A 134 -34.22 -18.23 23.07
C GLN A 134 -33.51 -16.88 23.12
N GLU A 135 -33.44 -16.29 24.30
CA GLU A 135 -32.77 -15.00 24.51
C GLU A 135 -31.26 -15.22 24.38
N MET A 136 -30.57 -14.35 23.64
CA MET A 136 -29.10 -14.48 23.49
C MET A 136 -28.45 -13.47 24.43
N LEU A 137 -27.66 -13.95 25.38
CA LEU A 137 -27.10 -13.07 26.43
C LEU A 137 -25.62 -12.73 26.19
N PHE A 138 -25.29 -11.46 26.37
CA PHE A 138 -23.91 -10.99 26.26
C PHE A 138 -23.55 -10.39 27.62
N LYS A 139 -23.05 -11.24 28.51
CA LYS A 139 -22.78 -10.83 29.89
C LYS A 139 -21.68 -9.81 29.98
N GLU A 140 -20.66 -9.89 29.13
CA GLU A 140 -19.50 -8.97 29.25
C GLU A 140 -19.91 -7.50 29.20
N THR A 141 -20.89 -7.14 28.39
CA THR A 141 -21.33 -5.76 28.27
C THR A 141 -22.76 -5.51 28.75
N GLY A 142 -23.49 -6.56 29.12
CA GLY A 142 -24.80 -6.40 29.73
C GLY A 142 -25.92 -6.19 28.73
N PHE A 143 -25.95 -7.02 27.71
CA PHE A 143 -27.03 -6.89 26.70
C PHE A 143 -27.63 -8.25 26.37
N SER A 144 -28.92 -8.21 26.03
N SER A 144 -28.92 -8.24 26.05
CA SER A 144 -29.70 -9.41 25.66
CA SER A 144 -29.62 -9.48 25.63
C SER A 144 -30.37 -9.16 24.32
C SER A 144 -30.39 -9.18 24.34
N VAL A 145 -30.42 -10.17 23.46
CA VAL A 145 -31.08 -10.03 22.14
C VAL A 145 -32.11 -11.13 21.95
N LYS A 146 -33.28 -10.77 21.47
CA LYS A 146 -34.39 -11.71 21.21
C LYS A 146 -34.90 -11.49 19.79
N LEU A 147 -35.21 -12.57 19.11
CA LEU A 147 -35.81 -12.52 17.76
C LEU A 147 -37.32 -12.29 17.94
N LEU A 148 -37.83 -11.16 17.50
CA LEU A 148 -39.27 -10.86 17.63
C LEU A 148 -40.02 -11.39 16.41
N SER A 149 -39.49 -11.13 15.22
CA SER A 149 -40.19 -11.51 13.98
C SER A 149 -39.17 -11.61 12.85
N GLU A 150 -39.58 -12.25 11.76
CA GLU A 150 -38.71 -12.39 10.58
C GLU A 150 -39.54 -12.13 9.32
N ASP A 151 -38.92 -11.60 8.28
CA ASP A 151 -39.59 -11.40 6.98
C ASP A 151 -38.65 -11.99 5.92
N VAL A 152 -38.93 -13.22 5.51
CA VAL A 152 -38.03 -13.91 4.55
C VAL A 152 -38.47 -13.56 3.12
N LYS A 153 -37.62 -12.85 2.40
CA LYS A 153 -37.86 -12.51 0.98
C LYS A 153 -37.03 -13.45 0.10
N SER A 154 -37.10 -13.28 -1.22
CA SER A 154 -36.37 -14.19 -2.13
C SER A 154 -34.86 -14.13 -1.99
N TYR A 155 -34.27 -12.97 -1.71
CA TYR A 155 -32.80 -12.92 -1.69
C TYR A 155 -32.25 -12.24 -0.42
N TYR A 156 -33.12 -11.97 0.54
CA TYR A 156 -32.71 -11.38 1.82
C TYR A 156 -33.79 -11.66 2.86
N THR A 157 -33.42 -11.47 4.11
CA THR A 157 -34.34 -11.62 5.23
C THR A 157 -34.18 -10.43 6.13
N VAL A 158 -35.27 -9.94 6.70
CA VAL A 158 -35.23 -8.89 7.71
C VAL A 158 -35.62 -9.53 9.03
N HIS A 159 -34.76 -9.43 10.04
CA HIS A 159 -35.10 -9.89 11.39
C HIS A 159 -35.40 -8.66 12.21
N LEU A 160 -36.48 -8.69 12.98
CA LEU A 160 -36.72 -7.65 13.99
C LEU A 160 -36.16 -8.19 15.29
N LEU A 161 -35.21 -7.46 15.86
CA LEU A 161 -34.51 -7.92 17.05
C LEU A 161 -34.81 -6.98 18.21
N GLN A 162 -34.99 -7.55 19.39
CA GLN A 162 -35.19 -6.71 20.57
C GLN A 162 -33.87 -6.67 21.33
N LEU A 163 -33.26 -5.51 21.39
CA LEU A 163 -31.96 -5.34 22.06
C LEU A 163 -32.22 -4.73 23.44
N GLU A 164 -31.90 -5.49 24.47
CA GLU A 164 -32.13 -5.06 25.87
C GLU A 164 -30.81 -4.67 26.56
N ASN A 165 -30.73 -3.42 26.99
CA ASN A 165 -29.63 -2.94 27.83
C ASN A 165 -29.99 -3.33 29.25
N ILE A 166 -29.47 -4.47 29.69
CA ILE A 166 -29.81 -4.97 31.06
C ILE A 166 -29.38 -3.98 32.13
N ASN A 167 -28.37 -3.17 31.87
CA ASN A 167 -27.87 -2.23 32.88
C ASN A 167 -28.72 -0.99 33.03
N SER A 168 -29.47 -0.59 31.99
CA SER A 168 -30.40 0.53 32.13
C SER A 168 -31.86 0.12 32.09
N GLY A 169 -32.18 -1.16 31.88
CA GLY A 169 -33.55 -1.63 31.74
C GLY A 169 -34.16 -1.47 30.35
N GLU A 170 -33.77 -0.40 29.65
CA GLU A 170 -34.28 -0.01 28.31
C GLU A 170 -34.14 -1.12 27.25
N THR A 171 -35.07 -1.13 26.30
CA THR A 171 -35.02 -2.07 25.15
C THR A 171 -35.31 -1.28 23.87
N ARG A 172 -34.75 -1.73 22.77
CA ARG A 172 -34.98 -1.07 21.48
C ARG A 172 -35.21 -2.14 20.41
N THR A 173 -35.98 -1.82 19.40
CA THR A 173 -36.17 -2.75 18.29
C THR A 173 -35.15 -2.42 17.22
N ILE A 174 -34.36 -3.41 16.84
CA ILE A 174 -33.31 -3.26 15.83
C ILE A 174 -33.78 -3.99 14.57
N SER A 175 -33.72 -3.33 13.43
CA SER A 175 -33.98 -3.99 12.15
C SER A 175 -32.67 -4.59 11.63
N HIS A 176 -32.66 -5.90 11.46
CA HIS A 176 -31.47 -6.61 11.01
C HIS A 176 -31.76 -7.05 9.57
N PHE A 177 -31.15 -6.34 8.63
CA PHE A 177 -31.34 -6.58 7.20
C PHE A 177 -30.26 -7.54 6.72
N HIS A 178 -30.64 -8.78 6.43
CA HIS A 178 -29.64 -9.80 6.13
C HIS A 178 -29.68 -10.13 4.64
N TYR A 179 -28.71 -9.62 3.90
CA TYR A 179 -28.53 -9.93 2.49
C TYR A 179 -27.91 -11.30 2.39
N THR A 180 -28.67 -12.30 1.94
CA THR A 180 -28.19 -13.67 1.97
C THR A 180 -27.73 -14.18 0.62
N THR A 181 -27.79 -13.35 -0.41
CA THR A 181 -27.44 -13.76 -1.77
C THR A 181 -26.30 -12.94 -2.36
N TRP A 182 -25.37 -12.52 -1.53
CA TRP A 182 -24.22 -11.72 -2.01
C TRP A 182 -22.97 -12.54 -1.76
N PRO A 183 -22.44 -13.26 -2.76
CA PRO A 183 -21.29 -14.11 -2.56
C PRO A 183 -20.05 -13.33 -2.11
N ASP A 184 -19.27 -13.98 -1.27
CA ASP A 184 -18.00 -13.40 -0.75
C ASP A 184 -17.06 -13.16 -1.94
N PHE A 185 -16.49 -11.95 -2.02
CA PHE A 185 -15.62 -11.46 -3.11
C PHE A 185 -16.38 -11.36 -4.44
N GLY A 186 -17.71 -11.24 -4.37
CA GLY A 186 -18.59 -11.28 -5.53
C GLY A 186 -19.52 -10.10 -5.51
N VAL A 187 -20.59 -10.18 -6.29
CA VAL A 187 -21.51 -9.07 -6.46
C VAL A 187 -22.93 -9.58 -6.30
N PRO A 188 -23.89 -8.70 -6.08
CA PRO A 188 -25.30 -9.10 -6.06
C PRO A 188 -25.76 -9.62 -7.41
N GLU A 189 -26.94 -10.24 -7.39
CA GLU A 189 -27.46 -10.86 -8.60
C GLU A 189 -27.78 -9.81 -9.65
N SER A 190 -28.23 -8.63 -9.25
CA SER A 190 -28.52 -7.61 -10.25
C SER A 190 -28.52 -6.26 -9.56
N PRO A 191 -28.31 -5.18 -10.31
CA PRO A 191 -28.51 -3.85 -9.72
C PRO A 191 -29.90 -3.70 -9.16
N ALA A 192 -30.93 -4.20 -9.85
CA ALA A 192 -32.30 -4.00 -9.37
C ALA A 192 -32.50 -4.62 -7.99
N SER A 193 -32.00 -5.84 -7.78
CA SER A 193 -32.22 -6.49 -6.49
C SER A 193 -31.37 -5.81 -5.40
N PHE A 194 -30.18 -5.34 -5.75
CA PHE A 194 -29.41 -4.56 -4.77
C PHE A 194 -30.15 -3.30 -4.39
N LEU A 195 -30.63 -2.58 -5.40
CA LEU A 195 -31.28 -1.29 -5.13
C LEU A 195 -32.59 -1.48 -4.35
N ASN A 196 -33.36 -2.52 -4.68
CA ASN A 196 -34.55 -2.81 -3.90
C ASN A 196 -34.21 -2.99 -2.42
N PHE A 197 -33.12 -3.73 -2.12
CA PHE A 197 -32.67 -3.91 -0.74
C PHE A 197 -32.25 -2.59 -0.09
N LEU A 198 -31.43 -1.82 -0.80
CA LEU A 198 -31.01 -0.51 -0.29
C LEU A 198 -32.22 0.37 0.00
N PHE A 199 -33.18 0.38 -0.92
CA PHE A 199 -34.36 1.21 -0.73
C PHE A 199 -35.17 0.74 0.46
N LYS A 200 -35.21 -0.56 0.71
CA LYS A 200 -35.90 -1.05 1.90
C LYS A 200 -35.15 -0.64 3.18
N VAL A 201 -33.82 -0.70 3.17
CA VAL A 201 -33.09 -0.20 4.34
C VAL A 201 -33.41 1.28 4.57
N ARG A 202 -33.41 2.09 3.50
CA ARG A 202 -33.69 3.51 3.60
C ARG A 202 -35.11 3.78 4.10
N GLU A 203 -36.08 3.00 3.61
CA GLU A 203 -37.48 3.18 3.98
C GLU A 203 -37.68 3.00 5.48
N SER A 204 -36.86 2.16 6.12
CA SER A 204 -37.03 2.01 7.55
C SER A 204 -36.64 3.29 8.29
N GLY A 205 -36.26 4.35 7.56
CA GLY A 205 -35.80 5.58 8.16
C GLY A 205 -34.48 5.46 8.88
N SER A 206 -33.82 4.30 8.79
CA SER A 206 -32.64 4.01 9.61
C SER A 206 -31.35 4.59 9.05
N LEU A 207 -31.36 5.17 7.84
CA LEU A 207 -30.22 5.93 7.33
C LEU A 207 -30.37 7.44 7.49
N ASN A 208 -31.42 7.90 8.17
CA ASN A 208 -31.70 9.33 8.38
C ASN A 208 -30.91 9.89 9.57
N PRO A 209 -30.69 11.21 9.59
CA PRO A 209 -29.91 11.80 10.71
C PRO A 209 -30.63 11.82 12.06
N ASP A 210 -31.88 11.34 12.11
CA ASP A 210 -32.68 11.38 13.37
C ASP A 210 -32.31 10.18 14.25
N HIS A 211 -32.11 9.01 13.63
CA HIS A 211 -31.63 7.85 14.41
C HIS A 211 -30.11 7.85 14.32
N GLY A 212 -29.45 7.00 15.09
CA GLY A 212 -27.99 6.90 15.01
C GLY A 212 -27.55 6.25 13.70
N PRO A 213 -26.24 6.20 13.43
CA PRO A 213 -25.77 5.67 12.17
C PRO A 213 -26.06 4.18 12.02
N ALA A 214 -26.50 3.78 10.84
CA ALA A 214 -26.69 2.35 10.56
C ALA A 214 -25.35 1.62 10.66
N VAL A 215 -25.39 0.38 11.10
CA VAL A 215 -24.15 -0.44 11.17
C VAL A 215 -24.14 -1.41 9.98
N ILE A 216 -23.20 -1.21 9.06
N ILE A 216 -23.19 -1.22 9.07
CA ILE A 216 -23.08 -2.11 7.88
CA ILE A 216 -23.08 -2.11 7.88
C ILE A 216 -21.89 -3.04 8.13
C ILE A 216 -21.88 -3.04 8.11
N HIS A 217 -22.06 -4.33 7.80
CA HIS A 217 -20.95 -5.28 7.96
C HIS A 217 -21.02 -6.46 7.02
N CYS A 218 -19.85 -6.97 6.73
CA CYS A 218 -19.73 -8.24 6.02
C CYS A 218 -18.74 -9.04 6.83
N SER A 219 -17.72 -9.64 6.21
CA SER A 219 -16.79 -10.32 7.10
C SER A 219 -15.66 -9.38 7.51
N ALA A 220 -14.99 -8.74 6.54
CA ALA A 220 -13.93 -7.79 6.88
C ALA A 220 -14.44 -6.37 7.05
N GLY A 221 -15.65 -6.08 6.56
CA GLY A 221 -16.17 -4.73 6.67
C GLY A 221 -15.63 -3.76 5.64
N ILE A 222 -15.12 -4.27 4.52
CA ILE A 222 -14.54 -3.36 3.49
C ILE A 222 -15.01 -3.71 2.06
N GLY A 223 -15.16 -4.98 1.72
CA GLY A 223 -15.49 -5.37 0.34
C GLY A 223 -16.96 -5.15 0.02
N ARG A 224 -17.79 -6.08 0.44
CA ARG A 224 -19.24 -5.92 0.20
C ARG A 224 -19.72 -4.68 0.96
N SER A 225 -19.23 -4.45 2.17
CA SER A 225 -19.67 -3.25 2.90
C SER A 225 -19.27 -1.97 2.17
N GLY A 226 -18.11 -1.96 1.56
CA GLY A 226 -17.70 -0.76 0.82
C GLY A 226 -18.55 -0.56 -0.42
N THR A 227 -18.90 -1.63 -1.10
CA THR A 227 -19.73 -1.55 -2.33
C THR A 227 -21.10 -0.97 -1.97
N PHE A 228 -21.71 -1.51 -0.93
CA PHE A 228 -23.03 -1.05 -0.46
C PHE A 228 -23.00 0.43 -0.08
N SER A 229 -21.93 0.83 0.60
N SER A 229 -21.93 0.85 0.61
CA SER A 229 -21.80 2.23 1.07
CA SER A 229 -21.86 2.25 1.06
C SER A 229 -21.54 3.20 -0.10
C SER A 229 -21.52 3.22 -0.08
N LEU A 230 -20.70 2.80 -1.04
CA LEU A 230 -20.37 3.69 -2.18
C LEU A 230 -21.65 4.00 -2.95
N VAL A 231 -22.43 2.98 -3.28
CA VAL A 231 -23.69 3.18 -4.04
C VAL A 231 -24.62 4.09 -3.23
N ASP A 232 -24.83 3.78 -1.97
CA ASP A 232 -25.76 4.57 -1.14
C ASP A 232 -25.31 6.03 -1.06
N THR A 233 -24.02 6.26 -0.80
CA THR A 233 -23.49 7.64 -0.71
C THR A 233 -23.61 8.37 -2.06
N CYS A 234 -23.24 7.74 -3.16
CA CYS A 234 -23.32 8.43 -4.47
C CYS A 234 -24.78 8.76 -4.81
N LEU A 235 -25.70 7.87 -4.51
CA LEU A 235 -27.10 8.14 -4.84
C LEU A 235 -27.58 9.31 -3.98
N VAL A 236 -27.19 9.33 -2.72
CA VAL A 236 -27.57 10.44 -1.81
C VAL A 236 -27.02 11.75 -2.37
N LEU A 237 -25.77 11.77 -2.80
CA LEU A 237 -25.19 13.02 -3.38
C LEU A 237 -25.92 13.38 -4.68
N MET A 238 -26.29 12.39 -5.47
CA MET A 238 -27.00 12.66 -6.75
C MET A 238 -28.41 13.20 -6.48
N GLU A 239 -29.03 12.78 -5.39
CA GLU A 239 -30.40 13.21 -4.99
C GLU A 239 -30.37 14.70 -4.57
N LYS A 240 -29.22 15.16 -4.07
CA LYS A 240 -28.99 16.57 -3.65
C LYS A 240 -28.62 17.44 -4.85
N GLY A 241 -28.51 16.86 -6.03
CA GLY A 241 -28.24 17.62 -7.25
C GLY A 241 -26.78 17.89 -7.46
N ASP A 242 -25.91 17.37 -6.62
CA ASP A 242 -24.49 17.73 -6.88
C ASP A 242 -23.89 16.71 -7.85
N ASP A 243 -23.05 17.16 -8.79
CA ASP A 243 -22.49 16.28 -9.85
C ASP A 243 -21.28 15.54 -9.29
N ILE A 244 -21.33 14.22 -9.29
CA ILE A 244 -20.26 13.45 -8.59
C ILE A 244 -19.32 12.74 -9.56
N ASN A 245 -18.12 12.46 -9.05
CA ASN A 245 -17.16 11.59 -9.74
C ASN A 245 -17.05 10.37 -8.81
N ILE A 246 -17.44 9.20 -9.28
CA ILE A 246 -17.49 8.01 -8.40
C ILE A 246 -16.13 7.71 -7.80
N LYS A 247 -15.08 7.81 -8.59
CA LYS A 247 -13.72 7.51 -8.08
C LYS A 247 -13.40 8.47 -6.93
N GLN A 248 -13.71 9.75 -7.08
CA GLN A 248 -13.38 10.72 -6.01
C GLN A 248 -14.22 10.43 -4.78
N VAL A 249 -15.48 10.06 -4.94
CA VAL A 249 -16.31 9.73 -3.74
C VAL A 249 -15.69 8.52 -3.04
N LEU A 250 -15.34 7.49 -3.78
CA LEU A 250 -14.75 6.29 -3.16
C LEU A 250 -13.45 6.65 -2.44
N LEU A 251 -12.60 7.47 -3.06
CA LEU A 251 -11.33 7.86 -2.41
C LEU A 251 -11.63 8.64 -1.12
N ASN A 252 -12.64 9.50 -1.15
CA ASN A 252 -13.03 10.27 0.06
C ASN A 252 -13.48 9.31 1.15
N MET A 253 -14.27 8.31 0.79
CA MET A 253 -14.80 7.31 1.75
C MET A 253 -13.65 6.45 2.31
N ARG A 254 -12.61 6.22 1.51
CA ARG A 254 -11.42 5.43 1.90
C ARG A 254 -10.56 6.17 2.95
N LYS A 255 -10.75 7.48 3.14
CA LYS A 255 -10.09 8.23 4.21
C LYS A 255 -10.70 7.83 5.57
N TYR A 256 -11.93 7.32 5.61
CA TYR A 256 -12.62 6.90 6.85
C TYR A 256 -12.37 5.42 7.17
N ARG A 257 -12.23 4.59 6.16
CA ARG A 257 -11.94 3.15 6.38
C ARG A 257 -11.17 2.66 5.17
N MET A 258 -10.07 1.96 5.42
CA MET A 258 -9.19 1.45 4.35
C MET A 258 -9.89 0.37 3.53
N GLY A 259 -9.50 0.29 2.26
CA GLY A 259 -9.84 -0.79 1.32
C GLY A 259 -11.30 -0.95 0.92
N LEU A 260 -12.13 0.09 1.04
CA LEU A 260 -13.54 -0.04 0.62
C LEU A 260 -13.55 -0.43 -0.85
N ILE A 261 -14.24 -1.52 -1.17
CA ILE A 261 -14.36 -2.20 -2.49
C ILE A 261 -13.11 -3.07 -2.69
N GLN A 262 -13.32 -4.37 -2.76
CA GLN A 262 -12.20 -5.34 -2.76
C GLN A 262 -11.82 -5.82 -4.16
N THR A 263 -12.75 -5.78 -5.12
CA THR A 263 -12.44 -6.29 -6.47
C THR A 263 -12.88 -5.34 -7.58
N PRO A 264 -12.27 -5.44 -8.78
CA PRO A 264 -12.69 -4.67 -9.95
C PRO A 264 -14.16 -4.92 -10.30
N ASP A 265 -14.63 -6.18 -10.17
CA ASP A 265 -16.04 -6.56 -10.43
C ASP A 265 -16.96 -5.82 -9.44
N GLN A 266 -16.52 -5.65 -8.20
CA GLN A 266 -17.34 -4.92 -7.20
C GLN A 266 -17.38 -3.46 -7.62
N LEU A 267 -16.24 -2.92 -8.01
CA LEU A 267 -16.22 -1.52 -8.49
C LEU A 267 -17.17 -1.39 -9.68
N ARG A 268 -17.06 -2.31 -10.64
CA ARG A 268 -17.93 -2.32 -11.83
C ARG A 268 -19.39 -2.36 -11.39
N PHE A 269 -19.71 -3.23 -10.44
CA PHE A 269 -21.10 -3.34 -10.02
C PHE A 269 -21.59 -2.04 -9.38
N SER A 270 -20.72 -1.37 -8.63
N SER A 270 -20.72 -1.36 -8.64
CA SER A 270 -21.05 -0.07 -8.00
CA SER A 270 -21.13 -0.09 -7.99
C SER A 270 -21.55 0.88 -9.11
C SER A 270 -21.53 0.92 -9.09
N TYR A 271 -20.71 1.08 -10.12
CA TYR A 271 -21.10 1.93 -11.26
C TYR A 271 -22.43 1.52 -11.84
N MET A 272 -22.65 0.22 -12.04
CA MET A 272 -23.90 -0.24 -12.63
C MET A 272 -25.07 0.16 -11.74
N ALA A 273 -24.97 -0.13 -10.44
CA ALA A 273 -26.06 0.19 -9.52
C ALA A 273 -26.27 1.70 -9.44
N ILE A 274 -25.19 2.48 -9.50
CA ILE A 274 -25.35 3.93 -9.45
C ILE A 274 -26.04 4.43 -10.72
N ILE A 275 -25.69 3.86 -11.86
CA ILE A 275 -26.32 4.23 -13.15
C ILE A 275 -27.81 3.88 -13.06
N GLU A 276 -28.14 2.69 -12.59
CA GLU A 276 -29.56 2.28 -12.47
C GLU A 276 -30.28 3.17 -11.44
N GLY A 277 -29.63 3.47 -10.32
CA GLY A 277 -30.22 4.32 -9.27
C GLY A 277 -30.48 5.71 -9.77
N ALA A 278 -29.58 6.24 -10.59
CA ALA A 278 -29.73 7.59 -11.17
C ALA A 278 -30.97 7.61 -12.06
N LYS A 279 -31.21 6.54 -12.82
CA LYS A 279 -32.43 6.46 -13.66
C LYS A 279 -33.67 6.60 -12.77
N CYS A 280 -33.71 5.99 -11.57
CA CYS A 280 -34.90 6.17 -10.70
C CYS A 280 -35.02 7.63 -10.27
N ILE A 281 -33.92 8.24 -9.89
CA ILE A 281 -33.93 9.66 -9.44
C ILE A 281 -34.38 10.55 -10.60
N PRO B 4 12.13 -9.85 -34.01
CA PRO B 4 11.51 -9.12 -32.63
C PRO B 4 11.75 -10.26 -31.64
N THR B 5 12.50 -9.98 -30.56
CA THR B 5 12.74 -10.97 -29.47
C THR B 5 11.52 -10.99 -28.55
N THR B 6 11.43 -11.94 -27.63
CA THR B 6 10.23 -11.97 -26.75
C THR B 6 10.16 -10.65 -25.96
N ILE B 7 11.28 -10.16 -25.44
CA ILE B 7 11.26 -8.86 -24.70
C ILE B 7 10.91 -7.73 -25.68
N GLU B 8 11.45 -7.76 -26.89
CA GLU B 8 11.16 -6.68 -27.87
C GLU B 8 9.69 -6.70 -28.24
N ARG B 9 9.11 -7.89 -28.38
CA ARG B 9 7.67 -7.99 -28.74
C ARG B 9 6.83 -7.38 -27.62
N GLU B 10 7.10 -7.82 -26.39
CA GLU B 10 6.40 -7.35 -25.17
C GLU B 10 6.52 -5.84 -25.10
N PHE B 11 7.71 -5.33 -25.36
CA PHE B 11 7.94 -3.88 -25.29
C PHE B 11 7.06 -3.18 -26.32
N GLU B 12 7.04 -3.73 -27.53
CA GLU B 12 6.25 -3.08 -28.61
C GLU B 12 4.77 -3.08 -28.22
N GLU B 13 4.27 -4.20 -27.70
CA GLU B 13 2.83 -4.26 -27.33
C GLU B 13 2.55 -3.32 -26.15
N LEU B 14 3.48 -3.20 -25.22
CA LEU B 14 3.22 -2.27 -24.10
C LEU B 14 3.10 -0.85 -24.65
N ASP B 15 3.99 -0.47 -25.57
CA ASP B 15 3.93 0.88 -26.17
C ASP B 15 2.64 1.07 -26.97
N THR B 16 2.27 0.10 -27.80
CA THR B 16 1.05 0.23 -28.64
C THR B 16 -0.22 0.22 -27.79
N GLN B 17 -0.26 -0.62 -26.76
CA GLN B 17 -1.46 -0.72 -25.90
C GLN B 17 -1.45 0.33 -24.79
N ARG B 18 -0.41 1.17 -24.72
CA ARG B 18 -0.31 2.25 -23.70
C ARG B 18 -0.48 1.63 -22.30
N ARG B 19 0.30 0.60 -21.98
CA ARG B 19 0.10 -0.16 -20.72
C ARG B 19 1.25 0.00 -19.73
N TRP B 20 2.13 0.98 -19.90
CA TRP B 20 3.23 1.12 -18.93
C TRP B 20 2.70 1.49 -17.53
N GLN B 21 1.78 2.45 -17.46
CA GLN B 21 1.22 2.85 -16.15
C GLN B 21 0.54 1.63 -15.50
N PRO B 22 -0.47 0.84 -16.19
CA PRO B 22 -1.36 -0.55 -15.87
C PRO B 22 -0.24 -1.45 -15.32
N LEU B 23 0.82 -1.66 -16.09
CA LEU B 23 1.89 -2.59 -15.67
C LEU B 23 2.59 -2.12 -14.38
N TYR B 24 2.92 -0.84 -14.29
CA TYR B 24 3.65 -0.33 -13.10
C TYR B 24 2.79 -0.51 -11.86
N LEU B 25 1.50 -0.21 -11.97
CA LEU B 25 0.54 -0.34 -10.84
C LEU B 25 0.40 -1.82 -10.47
N GLU B 26 0.44 -2.71 -11.46
CA GLU B 26 0.40 -4.16 -11.18
C GLU B 26 1.61 -4.50 -10.33
N ILE B 27 2.79 -3.98 -10.66
CA ILE B 27 4.02 -4.27 -9.87
C ILE B 27 3.86 -3.76 -8.44
N ARG B 28 3.31 -2.57 -8.25
CA ARG B 28 3.09 -2.06 -6.87
C ARG B 28 2.10 -2.95 -6.14
N ASN B 29 1.03 -3.33 -6.82
CA ASN B 29 -0.03 -4.20 -6.24
C ASN B 29 0.50 -5.61 -5.95
N GLU B 30 1.46 -6.08 -6.74
CA GLU B 30 2.01 -7.45 -6.60
C GLU B 30 3.24 -7.50 -5.69
N SER B 31 3.66 -6.36 -5.16
CA SER B 31 4.80 -6.34 -4.22
C SER B 31 4.33 -6.86 -2.85
N HIS B 32 5.26 -7.34 -2.05
CA HIS B 32 4.90 -7.82 -0.69
C HIS B 32 5.54 -6.90 0.35
N ASP B 33 4.75 -6.49 1.32
CA ASP B 33 5.23 -5.59 2.39
C ASP B 33 5.78 -6.44 3.53
N TYR B 34 7.09 -6.56 3.63
CA TYR B 34 7.70 -7.33 4.73
C TYR B 34 7.90 -6.39 5.88
N PRO B 35 8.13 -6.79 7.29
CA PRO B 35 8.40 -5.98 8.47
C PRO B 35 9.60 -5.06 8.28
N HIS B 36 9.46 -3.84 8.75
CA HIS B 36 10.53 -2.83 8.77
C HIS B 36 10.43 -2.10 10.10
N ARG B 37 10.40 -2.87 11.18
CA ARG B 37 10.23 -2.28 12.54
C ARG B 37 11.47 -1.49 12.94
N VAL B 38 12.66 -1.95 12.61
CA VAL B 38 13.84 -1.24 13.14
C VAL B 38 13.92 0.16 12.55
N ALA B 39 13.62 0.28 11.25
CA ALA B 39 13.64 1.60 10.60
C ALA B 39 12.75 2.60 11.32
N LYS B 40 11.70 2.09 11.97
CA LYS B 40 10.69 2.92 12.66
C LYS B 40 11.02 3.21 14.14
N PHE B 41 12.11 2.67 14.68
CA PHE B 41 12.43 3.01 16.09
C PHE B 41 12.63 4.53 16.21
N PRO B 42 12.16 5.16 17.30
CA PRO B 42 12.29 6.61 17.47
C PRO B 42 13.74 7.09 17.41
N GLU B 43 14.68 6.31 17.94
CA GLU B 43 16.12 6.63 17.88
C GLU B 43 16.66 6.63 16.44
N ASN B 44 16.01 5.94 15.49
CA ASN B 44 16.43 5.88 14.08
C ASN B 44 15.72 6.93 13.20
N ARG B 45 14.88 7.77 13.77
CA ARG B 45 14.10 8.76 12.98
C ARG B 45 15.05 9.68 12.22
N ASN B 46 16.14 10.11 12.86
CA ASN B 46 17.10 11.04 12.24
C ASN B 46 18.10 10.31 11.33
N ARG B 47 18.00 8.99 11.15
CA ARG B 47 18.87 8.25 10.21
C ARG B 47 18.12 7.97 8.90
N ASN B 48 16.87 8.39 8.81
CA ASN B 48 16.06 8.16 7.59
C ASN B 48 15.81 9.48 6.87
N ARG B 49 16.06 9.49 5.57
CA ARG B 49 15.85 10.70 4.76
C ARG B 49 14.36 10.86 4.48
N TYR B 50 13.72 9.77 4.13
CA TYR B 50 12.28 9.76 3.82
C TYR B 50 11.55 8.80 4.74
N ARG B 51 10.48 9.29 5.33
CA ARG B 51 9.67 8.50 6.28
C ARG B 51 9.11 7.25 5.60
N ASP B 52 8.69 7.32 4.34
CA ASP B 52 8.06 6.17 3.67
C ASP B 52 9.07 5.26 2.97
N VAL B 53 10.35 5.58 3.03
CA VAL B 53 11.33 4.67 2.39
C VAL B 53 12.20 4.12 3.51
N SER B 54 11.97 2.86 3.82
CA SER B 54 12.71 2.25 4.93
C SER B 54 13.19 0.93 4.40
N PRO B 55 14.38 0.22 4.91
CA PRO B 55 14.86 -1.14 4.63
C PRO B 55 14.01 -2.12 5.42
N TYR B 56 13.86 -3.32 4.86
CA TYR B 56 13.16 -4.42 5.56
C TYR B 56 14.13 -4.98 6.63
N ASP B 57 13.56 -5.48 7.71
CA ASP B 57 14.34 -6.05 8.84
C ASP B 57 15.18 -7.23 8.36
N HIS B 58 14.65 -8.05 7.47
CA HIS B 58 15.31 -9.26 6.93
C HIS B 58 16.48 -8.98 5.97
N SER B 59 16.52 -7.82 5.32
CA SER B 59 17.61 -7.58 4.34
C SER B 59 18.41 -6.32 4.64
N ARG B 60 18.10 -5.61 5.73
CA ARG B 60 18.82 -4.36 6.03
C ARG B 60 20.30 -4.62 6.33
N VAL B 61 21.16 -3.70 5.93
CA VAL B 61 22.60 -3.83 6.23
C VAL B 61 22.82 -3.36 7.67
N LYS B 62 23.47 -4.16 8.49
CA LYS B 62 23.67 -3.77 9.90
C LYS B 62 25.08 -3.24 10.12
N LEU B 63 25.23 -2.20 10.90
CA LEU B 63 26.56 -1.65 11.23
C LEU B 63 27.16 -2.53 12.35
N GLN B 64 28.25 -3.22 12.06
CA GLN B 64 28.88 -4.11 13.06
C GLN B 64 29.59 -3.29 14.13
N ASN B 65 29.56 -3.77 15.37
CA ASN B 65 30.28 -3.18 16.53
C ASN B 65 29.84 -1.74 16.79
N ALA B 66 28.58 -1.41 16.57
CA ALA B 66 28.11 -0.05 16.84
C ALA B 66 27.03 -0.15 17.91
N GLU B 67 26.86 0.89 18.72
CA GLU B 67 25.80 0.84 19.75
C GLU B 67 24.46 0.69 19.04
N ASN B 68 24.25 1.50 17.99
CA ASN B 68 23.05 1.45 17.13
C ASN B 68 23.51 0.91 15.78
N ASP B 69 23.00 -0.25 15.39
CA ASP B 69 23.46 -0.85 14.12
C ASP B 69 22.63 -0.40 12.93
N TYR B 70 21.84 0.66 13.04
CA TYR B 70 20.93 0.97 11.94
C TYR B 70 21.53 1.93 10.91
N ILE B 71 21.42 1.53 9.65
CA ILE B 71 21.58 2.41 8.49
C ILE B 71 20.46 2.11 7.50
N ASN B 72 19.96 3.15 6.83
CA ASN B 72 18.93 2.95 5.81
C ASN B 72 19.60 2.41 4.53
N ALA B 73 19.81 1.10 4.53
CA ALA B 73 20.48 0.44 3.42
C ALA B 73 20.02 -1.01 3.41
N SER B 74 19.91 -1.56 2.20
CA SER B 74 19.42 -2.90 1.96
C SER B 74 20.39 -3.70 1.12
N LEU B 75 20.57 -4.95 1.50
CA LEU B 75 21.38 -5.89 0.69
C LEU B 75 20.42 -6.57 -0.30
N VAL B 76 20.59 -6.26 -1.57
CA VAL B 76 19.73 -6.81 -2.63
C VAL B 76 20.52 -7.95 -3.26
N ASP B 77 20.06 -9.18 -3.08
CA ASP B 77 20.87 -10.34 -3.42
C ASP B 77 20.08 -11.18 -4.42
N ILE B 78 20.62 -11.32 -5.63
CA ILE B 78 19.98 -12.11 -6.69
C ILE B 78 20.85 -13.33 -7.01
N GLU B 79 20.58 -14.45 -6.35
CA GLU B 79 21.44 -15.63 -6.45
C GLU B 79 21.64 -16.07 -7.91
N GLU B 80 20.55 -16.10 -8.67
CA GLU B 80 20.60 -16.56 -10.08
C GLU B 80 21.60 -15.77 -10.91
N ALA B 81 21.85 -14.51 -10.56
CA ALA B 81 22.75 -13.69 -11.37
C ALA B 81 24.09 -13.52 -10.67
N GLN B 82 24.24 -14.13 -9.50
CA GLN B 82 25.49 -13.99 -8.71
C GLN B 82 25.81 -12.50 -8.52
N ARG B 83 24.78 -11.66 -8.35
CA ARG B 83 24.97 -10.23 -8.13
C ARG B 83 24.36 -9.89 -6.79
N SER B 84 25.13 -9.16 -6.01
CA SER B 84 24.62 -8.62 -4.74
C SER B 84 25.00 -7.15 -4.73
N TYR B 85 24.06 -6.28 -4.37
CA TYR B 85 24.28 -4.84 -4.29
C TYR B 85 23.79 -4.37 -2.94
N ILE B 86 24.33 -3.26 -2.48
CA ILE B 86 23.70 -2.53 -1.38
C ILE B 86 23.02 -1.31 -1.99
N LEU B 87 21.71 -1.17 -1.76
CA LEU B 87 20.99 0.03 -2.17
C LEU B 87 20.75 0.87 -0.93
N THR B 88 21.06 2.15 -1.02
CA THR B 88 20.92 2.99 0.18
C THR B 88 20.46 4.38 -0.21
N GLN B 89 20.01 5.14 0.78
CA GLN B 89 19.59 6.53 0.55
C GLN B 89 20.83 7.42 0.41
N GLY B 90 20.68 8.56 -0.23
CA GLY B 90 21.82 9.48 -0.28
C GLY B 90 22.03 9.87 1.14
N PRO B 91 23.29 9.67 1.90
CA PRO B 91 23.61 9.92 3.30
C PRO B 91 23.22 11.32 3.76
N LEU B 92 22.79 11.38 5.01
CA LEU B 92 22.49 12.63 5.67
C LEU B 92 23.78 13.11 6.31
N PRO B 93 23.98 14.43 6.83
CA PRO B 93 25.20 15.20 7.70
C PRO B 93 25.54 14.13 8.76
N ASN B 94 24.54 13.53 9.41
CA ASN B 94 24.80 12.63 10.55
C ASN B 94 24.98 11.15 10.18
N THR B 95 24.72 10.74 8.96
CA THR B 95 24.93 9.34 8.62
C THR B 95 26.07 9.11 7.63
N CYS B 96 26.79 10.17 7.20
CA CYS B 96 27.96 9.95 6.36
C CYS B 96 28.96 9.04 7.04
N CYS B 97 29.09 9.20 8.34
CA CYS B 97 30.00 8.35 9.14
C CYS B 97 29.56 6.89 9.07
N HIS B 98 28.27 6.63 9.18
CA HIS B 98 27.71 5.25 9.07
C HIS B 98 27.92 4.73 7.64
N PHE B 99 27.63 5.57 6.66
CA PHE B 99 27.84 5.19 5.26
C PHE B 99 29.25 4.64 5.05
N TRP B 100 30.28 5.37 5.48
CA TRP B 100 31.64 4.89 5.26
C TRP B 100 32.00 3.70 6.15
N LEU B 101 31.44 3.66 7.35
CA LEU B 101 31.65 2.47 8.21
C LEU B 101 31.10 1.27 7.45
N MET B 102 29.92 1.39 6.86
CA MET B 102 29.33 0.27 6.13
C MET B 102 30.17 -0.11 4.93
N VAL B 103 30.65 0.86 4.18
CA VAL B 103 31.49 0.57 2.99
C VAL B 103 32.71 -0.24 3.44
N TRP B 104 33.33 0.16 4.54
CA TRP B 104 34.50 -0.57 5.07
C TRP B 104 34.12 -1.99 5.47
N GLN B 105 33.16 -2.13 6.36
CA GLN B 105 32.74 -3.46 6.89
C GLN B 105 32.29 -4.42 5.77
N GLN B 106 31.63 -3.92 4.74
CA GLN B 106 31.11 -4.78 3.65
C GLN B 106 32.18 -5.05 2.59
N LYS B 107 33.36 -4.45 2.70
CA LYS B 107 34.46 -4.62 1.72
C LYS B 107 34.05 -4.15 0.32
N THR B 108 33.24 -3.12 0.27
CA THR B 108 32.75 -2.53 -0.99
C THR B 108 33.93 -1.91 -1.75
N LYS B 109 33.96 -2.10 -3.05
CA LYS B 109 35.02 -1.47 -3.88
C LYS B 109 34.45 -0.27 -4.62
N ALA B 110 33.15 -0.24 -4.89
CA ALA B 110 32.63 0.91 -5.64
C ALA B 110 31.33 1.48 -5.07
N VAL B 111 31.20 2.79 -5.23
CA VAL B 111 29.98 3.52 -4.85
C VAL B 111 29.44 4.10 -6.15
N VAL B 112 28.22 3.75 -6.50
CA VAL B 112 27.54 4.29 -7.66
C VAL B 112 26.53 5.33 -7.19
N MET B 113 26.75 6.58 -7.59
CA MET B 113 25.89 7.73 -7.21
C MET B 113 25.13 8.21 -8.45
N LEU B 114 23.81 8.22 -8.38
CA LEU B 114 22.95 8.53 -9.55
C LEU B 114 22.22 9.86 -9.41
N ASN B 115 22.41 10.55 -8.29
CA ASN B 115 21.73 11.84 -8.07
C ASN B 115 22.75 12.97 -7.97
N ARG B 116 22.29 14.20 -8.11
CA ARG B 116 23.16 15.35 -7.78
C ARG B 116 22.92 15.73 -6.32
N ILE B 117 23.82 16.51 -5.75
CA ILE B 117 23.69 16.95 -4.33
C ILE B 117 22.43 17.79 -4.19
N VAL B 118 22.20 18.71 -5.12
CA VAL B 118 21.01 19.60 -5.08
C VAL B 118 20.19 19.33 -6.33
N GLU B 119 18.90 19.10 -6.15
CA GLU B 119 17.97 18.80 -7.26
C GLU B 119 16.64 19.46 -6.94
N LYS B 120 16.07 20.20 -7.89
CA LYS B 120 14.76 20.83 -7.76
C LYS B 120 14.64 21.54 -6.42
N GLU B 121 15.64 22.40 -6.16
CA GLU B 121 15.69 23.30 -5.01
C GLU B 121 15.74 22.58 -3.66
N SER B 122 16.23 21.34 -3.59
CA SER B 122 16.47 20.80 -2.26
C SER B 122 17.73 19.94 -2.26
N VAL B 123 18.31 19.81 -1.08
CA VAL B 123 19.52 18.97 -0.90
C VAL B 123 19.05 17.53 -0.85
N LYS B 124 19.60 16.68 -1.71
CA LYS B 124 19.18 15.27 -1.80
C LYS B 124 20.19 14.34 -1.16
N CYS B 125 21.37 14.84 -0.84
CA CYS B 125 22.46 13.97 -0.37
C CYS B 125 23.50 14.86 0.26
N ALA B 126 24.17 14.38 1.29
CA ALA B 126 25.22 15.21 1.89
C ALA B 126 26.49 15.11 1.05
N GLN B 127 27.38 16.08 1.17
CA GLN B 127 28.68 16.02 0.47
C GLN B 127 29.54 15.05 1.28
N TYR B 128 29.49 13.77 0.96
CA TYR B 128 30.17 12.73 1.77
C TYR B 128 31.58 12.38 1.29
N TRP B 129 32.04 13.01 0.23
CA TRP B 129 33.41 12.79 -0.28
C TRP B 129 34.02 14.17 -0.57
N PRO B 130 35.39 14.51 -0.43
CA PRO B 130 36.31 15.88 -0.65
C PRO B 130 36.18 16.17 -2.15
N THR B 131 35.78 17.40 -2.48
CA THR B 131 35.78 17.85 -3.89
C THR B 131 37.18 18.37 -4.22
N ASP B 132 37.97 18.67 -3.19
CA ASP B 132 39.33 19.25 -3.34
C ASP B 132 40.38 18.31 -2.75
N ASP B 133 41.55 18.82 -2.39
CA ASP B 133 42.64 17.97 -1.84
C ASP B 133 42.55 17.85 -0.32
N GLN B 134 41.56 18.46 0.32
CA GLN B 134 41.47 18.35 1.79
C GLN B 134 40.99 16.97 2.24
N GLU B 135 41.52 16.45 3.32
CA GLU B 135 41.10 15.15 3.87
C GLU B 135 39.75 15.35 4.56
N MET B 136 38.77 14.51 4.26
CA MET B 136 37.45 14.63 4.90
C MET B 136 37.37 13.63 6.06
N LEU B 137 37.09 14.12 7.25
CA LEU B 137 37.19 13.31 8.47
C LEU B 137 35.79 12.97 8.97
N PHE B 138 35.62 11.73 9.40
CA PHE B 138 34.36 11.22 10.00
C PHE B 138 34.71 10.64 11.37
N LYS B 139 34.85 11.53 12.34
CA LYS B 139 35.34 11.19 13.71
C LYS B 139 34.44 10.17 14.41
N GLU B 140 33.12 10.26 14.23
CA GLU B 140 32.13 9.36 14.89
C GLU B 140 32.44 7.88 14.60
N THR B 141 32.89 7.52 13.40
CA THR B 141 33.17 6.10 13.11
C THR B 141 34.65 5.87 12.82
N GLY B 142 35.46 6.92 12.82
CA GLY B 142 36.91 6.76 12.61
C GLY B 142 37.31 6.49 11.17
N PHE B 143 36.86 7.30 10.22
CA PHE B 143 37.28 7.14 8.83
C PHE B 143 37.65 8.49 8.25
N SER B 144 38.54 8.45 7.25
CA SER B 144 38.89 9.65 6.50
C SER B 144 38.83 9.32 5.02
N VAL B 145 38.45 10.31 4.23
CA VAL B 145 38.34 10.12 2.77
C VAL B 145 39.15 11.21 2.06
N LYS B 146 39.96 10.80 1.10
CA LYS B 146 40.80 11.72 0.31
C LYS B 146 40.52 11.52 -1.17
N LEU B 147 40.45 12.59 -1.93
CA LEU B 147 40.25 12.51 -3.38
C LEU B 147 41.63 12.26 -4.01
N LEU B 148 41.79 11.16 -4.70
CA LEU B 148 43.05 10.83 -5.34
C LEU B 148 43.13 11.33 -6.77
N SER B 149 42.07 11.10 -7.54
CA SER B 149 42.04 11.55 -8.95
C SER B 149 40.60 11.58 -9.45
N GLU B 150 40.40 12.18 -10.60
CA GLU B 150 39.04 12.29 -11.16
C GLU B 150 39.09 12.08 -12.67
N ASP B 151 38.03 11.51 -13.23
CA ASP B 151 37.91 11.38 -14.68
C ASP B 151 36.55 11.99 -15.02
N VAL B 152 36.55 13.22 -15.51
CA VAL B 152 35.29 13.93 -15.79
C VAL B 152 34.90 13.72 -17.24
N LYS B 153 33.73 13.13 -17.45
CA LYS B 153 33.16 12.94 -18.80
C LYS B 153 31.91 13.81 -18.93
N SER B 154 31.30 13.87 -20.10
CA SER B 154 30.13 14.74 -20.25
C SER B 154 28.93 14.31 -19.39
N TYR B 155 28.69 13.03 -19.21
CA TYR B 155 27.44 12.62 -18.50
C TYR B 155 27.71 12.01 -17.15
N TYR B 156 28.98 11.81 -16.83
CA TYR B 156 29.34 11.21 -15.53
C TYR B 156 30.78 11.54 -15.19
N THR B 157 31.10 11.38 -13.93
CA THR B 157 32.47 11.59 -13.43
C THR B 157 32.83 10.39 -12.57
N VAL B 158 34.04 9.91 -12.70
CA VAL B 158 34.52 8.81 -11.83
C VAL B 158 35.59 9.40 -10.92
N HIS B 159 35.37 9.34 -9.62
CA HIS B 159 36.37 9.81 -8.65
C HIS B 159 37.06 8.62 -8.02
N LEU B 160 38.37 8.70 -7.85
CA LEU B 160 39.10 7.66 -7.11
C LEU B 160 39.34 8.23 -5.73
N LEU B 161 38.84 7.53 -4.72
CA LEU B 161 38.93 7.99 -3.33
C LEU B 161 39.76 7.03 -2.48
N GLN B 162 40.50 7.60 -1.55
CA GLN B 162 41.21 6.81 -0.56
C GLN B 162 40.41 6.85 0.73
N LEU B 163 39.90 5.68 1.11
CA LEU B 163 39.17 5.48 2.35
C LEU B 163 40.14 4.90 3.37
N GLU B 164 40.34 5.62 4.48
CA GLU B 164 41.30 5.23 5.50
C GLU B 164 40.57 4.87 6.77
N ASN B 165 40.83 3.67 7.26
CA ASN B 165 40.30 3.27 8.58
C ASN B 165 41.32 3.82 9.58
N ILE B 166 41.02 4.93 10.21
CA ILE B 166 42.00 5.58 11.13
C ILE B 166 42.37 4.66 12.30
N ASN B 167 41.41 3.91 12.82
CA ASN B 167 41.66 3.02 13.99
C ASN B 167 42.70 1.94 13.66
N SER B 168 42.67 1.41 12.44
CA SER B 168 43.63 0.35 12.06
C SER B 168 44.73 0.89 11.15
N GLY B 169 44.51 2.04 10.52
CA GLY B 169 45.50 2.64 9.62
C GLY B 169 45.48 2.04 8.21
N GLU B 170 44.62 1.06 7.96
CA GLU B 170 44.57 0.48 6.60
C GLU B 170 43.87 1.44 5.64
N THR B 171 44.17 1.34 4.36
CA THR B 171 43.52 2.20 3.37
C THR B 171 43.02 1.35 2.22
N ARG B 172 41.95 1.80 1.60
CA ARG B 172 41.41 1.11 0.42
C ARG B 172 41.03 2.17 -0.59
N THR B 173 41.23 1.85 -1.86
CA THR B 173 40.83 2.78 -2.93
C THR B 173 39.39 2.42 -3.32
N ILE B 174 38.52 3.41 -3.29
CA ILE B 174 37.10 3.22 -3.64
C ILE B 174 36.82 3.95 -4.95
N SER B 175 36.23 3.27 -5.92
CA SER B 175 35.83 3.94 -7.17
C SER B 175 34.43 4.54 -6.97
N HIS B 176 34.31 5.84 -7.12
CA HIS B 176 33.02 6.56 -6.96
C HIS B 176 32.52 6.97 -8.35
N PHE B 177 31.54 6.23 -8.86
CA PHE B 177 30.96 6.46 -10.19
C PHE B 177 29.77 7.40 -10.04
N HIS B 178 29.96 8.63 -10.46
CA HIS B 178 28.89 9.64 -10.29
C HIS B 178 28.21 9.93 -11.61
N TYR B 179 26.97 9.47 -11.75
CA TYR B 179 26.16 9.76 -12.95
C TYR B 179 25.52 11.12 -12.68
N THR B 180 25.87 12.10 -13.49
CA THR B 180 25.45 13.50 -13.20
C THR B 180 24.31 14.02 -14.07
N THR B 181 23.76 13.21 -14.96
CA THR B 181 22.68 13.72 -15.85
C THR B 181 21.44 12.83 -15.78
N TRP B 182 21.06 12.41 -14.60
CA TRP B 182 19.85 11.60 -14.45
C TRP B 182 18.86 12.38 -13.61
N PRO B 183 17.88 13.04 -14.22
CA PRO B 183 17.01 13.93 -13.43
C PRO B 183 16.22 13.13 -12.41
N ASP B 184 15.96 13.78 -11.29
CA ASP B 184 15.22 13.17 -10.20
C ASP B 184 13.80 12.83 -10.68
N PHE B 185 13.32 11.63 -10.38
CA PHE B 185 12.01 11.10 -10.84
C PHE B 185 11.97 10.99 -12.38
N GLY B 186 13.11 11.01 -13.05
CA GLY B 186 13.12 10.87 -14.49
C GLY B 186 14.01 9.73 -14.96
N VAL B 187 14.51 9.88 -16.18
CA VAL B 187 15.34 8.84 -16.81
C VAL B 187 16.61 9.49 -17.36
N PRO B 188 17.62 8.70 -17.75
CA PRO B 188 18.81 9.24 -18.39
C PRO B 188 18.53 9.72 -19.83
N GLU B 189 19.41 10.51 -20.43
CA GLU B 189 19.20 10.87 -21.86
C GLU B 189 19.73 9.73 -22.71
N SER B 190 18.85 8.83 -23.14
CA SER B 190 19.11 7.67 -24.04
C SER B 190 19.71 6.46 -23.31
N PRO B 191 19.45 5.25 -23.79
CA PRO B 191 20.07 4.08 -23.22
C PRO B 191 21.59 4.15 -23.34
N ALA B 192 22.11 4.65 -24.47
CA ALA B 192 23.56 4.75 -24.73
C ALA B 192 24.35 5.33 -23.56
N SER B 193 24.06 6.55 -23.12
CA SER B 193 24.89 7.13 -22.05
C SER B 193 24.78 6.25 -20.80
N PHE B 194 23.57 5.80 -20.48
CA PHE B 194 23.39 4.95 -19.28
C PHE B 194 24.16 3.64 -19.44
N LEU B 195 24.06 2.98 -20.60
CA LEU B 195 24.76 1.69 -20.80
C LEU B 195 26.28 1.90 -20.74
N ASN B 196 26.78 2.99 -21.30
CA ASN B 196 28.24 3.26 -21.27
C ASN B 196 28.67 3.32 -19.81
N PHE B 197 27.88 4.02 -19.01
CA PHE B 197 28.18 4.17 -17.57
C PHE B 197 28.12 2.79 -16.89
N LEU B 198 27.10 1.99 -17.20
CA LEU B 198 26.96 0.66 -16.56
C LEU B 198 28.15 -0.21 -16.95
N PHE B 199 28.52 -0.19 -18.22
CA PHE B 199 29.65 -0.99 -18.74
C PHE B 199 30.94 -0.56 -18.05
N LYS B 200 31.10 0.74 -17.77
CA LYS B 200 32.33 1.22 -17.09
C LYS B 200 32.38 0.68 -15.67
N VAL B 201 31.24 0.68 -14.98
CA VAL B 201 31.18 0.17 -13.58
C VAL B 201 31.57 -1.31 -13.62
N ARG B 202 30.99 -2.05 -14.56
CA ARG B 202 31.27 -3.49 -14.70
C ARG B 202 32.75 -3.70 -15.03
N GLU B 203 33.32 -2.86 -15.88
CA GLU B 203 34.73 -2.97 -16.35
C GLU B 203 35.70 -2.87 -15.17
N SER B 204 35.38 -2.06 -14.16
CA SER B 204 36.19 -1.88 -12.94
C SER B 204 36.28 -3.18 -12.12
N GLY B 205 35.38 -4.12 -12.37
CA GLY B 205 35.32 -5.39 -11.63
C GLY B 205 34.56 -5.22 -10.31
N SER B 206 34.05 -4.01 -10.07
CA SER B 206 33.34 -3.64 -8.81
C SER B 206 32.04 -4.43 -8.57
N LEU B 207 31.42 -4.97 -9.62
CA LEU B 207 30.16 -5.72 -9.46
C LEU B 207 30.43 -7.23 -9.34
N ASN B 208 31.68 -7.62 -9.53
CA ASN B 208 32.06 -9.05 -9.53
C ASN B 208 31.98 -9.56 -8.10
N PRO B 209 31.68 -10.98 -7.77
CA PRO B 209 31.58 -11.72 -6.50
C PRO B 209 32.87 -11.73 -5.65
N ASP B 210 34.01 -11.49 -6.29
CA ASP B 210 35.33 -11.53 -5.62
C ASP B 210 35.49 -10.32 -4.71
N HIS B 211 34.62 -9.33 -4.85
CA HIS B 211 34.69 -8.15 -3.98
C HIS B 211 33.46 -8.12 -3.09
N GLY B 212 33.46 -7.22 -2.13
CA GLY B 212 32.27 -6.98 -1.29
C GLY B 212 31.27 -6.25 -2.15
N PRO B 213 29.85 -6.22 -1.93
CA PRO B 213 28.52 -5.58 -2.74
C PRO B 213 28.89 -4.13 -3.06
N ALA B 214 28.77 -3.73 -4.32
CA ALA B 214 28.78 -2.31 -4.66
C ALA B 214 27.64 -1.60 -3.95
N VAL B 215 27.89 -0.36 -3.53
CA VAL B 215 26.86 0.49 -2.91
C VAL B 215 26.29 1.37 -4.01
N ILE B 216 24.99 1.24 -4.23
CA ILE B 216 24.23 2.03 -5.24
C ILE B 216 23.32 3.00 -4.49
N HIS B 217 23.31 4.26 -4.88
CA HIS B 217 22.46 5.23 -4.17
C HIS B 217 22.03 6.38 -5.07
N CYS B 218 20.90 6.95 -4.73
CA CYS B 218 20.35 8.17 -5.35
C CYS B 218 19.89 8.99 -4.15
N SER B 219 18.72 9.59 -4.15
CA SER B 219 18.34 10.29 -2.90
C SER B 219 17.61 9.32 -1.96
N ALA B 220 16.59 8.64 -2.46
CA ALA B 220 15.82 7.69 -1.62
C ALA B 220 16.40 6.27 -1.71
N GLY B 221 17.20 6.00 -2.72
CA GLY B 221 17.77 4.67 -2.93
C GLY B 221 16.79 3.66 -3.49
N ILE B 222 15.71 4.11 -4.13
CA ILE B 222 14.74 3.15 -4.73
C ILE B 222 14.39 3.47 -6.20
N GLY B 223 14.37 4.74 -6.59
CA GLY B 223 13.91 5.09 -7.95
C GLY B 223 15.00 4.93 -8.98
N ARG B 224 15.95 5.84 -9.03
CA ARG B 224 17.07 5.68 -9.98
C ARG B 224 17.89 4.43 -9.62
N SER B 225 18.13 4.23 -8.33
CA SER B 225 18.91 3.06 -7.85
C SER B 225 18.22 1.77 -8.31
N GLY B 226 16.90 1.67 -8.20
CA GLY B 226 16.23 0.47 -8.66
C GLY B 226 16.30 0.29 -10.16
N THR B 227 16.19 1.38 -10.92
CA THR B 227 16.33 1.31 -12.37
C THR B 227 17.71 0.80 -12.77
N PHE B 228 18.76 1.39 -12.20
CA PHE B 228 20.11 0.90 -12.50
C PHE B 228 20.26 -0.58 -12.18
N SER B 229 19.84 -1.00 -10.98
N SER B 229 19.75 -0.96 -10.97
CA SER B 229 20.09 -2.38 -10.55
CA SER B 229 20.00 -2.34 -10.54
C SER B 229 19.29 -3.39 -11.37
C SER B 229 19.20 -3.35 -11.36
N LEU B 230 18.06 -3.03 -11.74
CA LEU B 230 17.24 -3.93 -12.55
C LEU B 230 17.89 -4.19 -13.91
N VAL B 231 18.36 -3.11 -14.57
CA VAL B 231 19.00 -3.30 -15.87
C VAL B 231 20.22 -4.18 -15.74
N ASP B 232 21.08 -3.90 -14.76
CA ASP B 232 22.28 -4.70 -14.59
C ASP B 232 21.93 -6.16 -14.35
N THR B 233 21.02 -6.42 -13.41
CA THR B 233 20.67 -7.80 -13.07
C THR B 233 20.05 -8.53 -14.25
N CYS B 234 19.15 -7.86 -14.99
CA CYS B 234 18.53 -8.54 -16.12
C CYS B 234 19.56 -8.87 -17.20
N LEU B 235 20.48 -7.95 -17.48
CA LEU B 235 21.51 -8.23 -18.48
C LEU B 235 22.41 -9.39 -18.07
N VAL B 236 22.68 -9.51 -16.79
CA VAL B 236 23.49 -10.66 -16.32
C VAL B 236 22.70 -11.94 -16.54
N LEU B 237 21.40 -11.93 -16.21
CA LEU B 237 20.56 -13.13 -16.39
C LEU B 237 20.50 -13.51 -17.87
N MET B 238 20.38 -12.53 -18.76
CA MET B 238 20.36 -12.79 -20.21
C MET B 238 21.72 -13.34 -20.70
N GLU B 239 22.83 -12.88 -20.11
CA GLU B 239 24.21 -13.32 -20.46
C GLU B 239 24.33 -14.82 -20.25
N LYS B 240 23.73 -15.33 -19.16
CA LYS B 240 23.69 -16.76 -18.76
C LYS B 240 22.75 -17.58 -19.65
N GLY B 241 21.94 -16.95 -20.50
CA GLY B 241 21.07 -17.66 -21.46
C GLY B 241 19.72 -18.05 -20.88
N ASP B 242 19.50 -17.78 -19.60
CA ASP B 242 18.18 -18.16 -19.05
C ASP B 242 17.16 -17.11 -19.50
N ASP B 243 15.98 -17.58 -19.87
CA ASP B 243 14.90 -16.72 -20.34
C ASP B 243 14.26 -15.98 -19.16
N ILE B 244 14.16 -14.65 -19.25
CA ILE B 244 13.79 -13.86 -18.09
C ILE B 244 12.48 -13.13 -18.35
N ASN B 245 11.74 -12.95 -17.27
CA ASN B 245 10.56 -12.10 -17.24
C ASN B 245 10.93 -10.93 -16.33
N ILE B 246 10.99 -9.73 -16.91
CA ILE B 246 11.55 -8.57 -16.20
C ILE B 246 10.66 -8.17 -15.03
N LYS B 247 9.35 -8.24 -15.22
CA LYS B 247 8.41 -7.91 -14.14
C LYS B 247 8.71 -8.82 -12.94
N GLN B 248 8.95 -10.09 -13.19
CA GLN B 248 9.24 -11.01 -12.10
C GLN B 248 10.59 -10.74 -11.47
N VAL B 249 11.61 -10.39 -12.27
CA VAL B 249 12.90 -10.08 -11.66
C VAL B 249 12.77 -8.87 -10.74
N LEU B 250 12.04 -7.84 -11.21
CA LEU B 250 11.79 -6.65 -10.38
C LEU B 250 11.03 -7.01 -9.10
N LEU B 251 10.00 -7.84 -9.22
CA LEU B 251 9.26 -8.23 -8.02
C LEU B 251 10.17 -8.93 -7.04
N ASN B 252 11.02 -9.81 -7.53
CA ASN B 252 11.95 -10.52 -6.66
C ASN B 252 12.93 -9.54 -5.99
N MET B 253 13.41 -8.53 -6.73
CA MET B 253 14.29 -7.53 -6.12
C MET B 253 13.58 -6.70 -5.08
N ARG B 254 12.31 -6.39 -5.33
CA ARG B 254 11.50 -5.64 -4.37
C ARG B 254 11.31 -6.38 -3.04
N LYS B 255 11.60 -7.67 -3.02
CA LYS B 255 11.50 -8.39 -1.72
C LYS B 255 12.65 -7.94 -0.82
N TYR B 256 13.72 -7.41 -1.40
CA TYR B 256 14.92 -6.97 -0.65
C TYR B 256 14.84 -5.49 -0.29
N ARG B 257 14.16 -4.70 -1.10
CA ARG B 257 14.01 -3.29 -0.75
C ARG B 257 12.73 -2.77 -1.37
N MET B 258 11.91 -2.09 -0.57
CA MET B 258 10.62 -1.62 -1.07
C MET B 258 10.78 -0.58 -2.19
N GLY B 259 9.85 -0.62 -3.14
CA GLY B 259 9.65 0.47 -4.06
C GLY B 259 10.64 0.62 -5.20
N LEU B 260 11.45 -0.39 -5.52
CA LEU B 260 12.43 -0.22 -6.59
C LEU B 260 11.73 0.13 -7.90
N ILE B 261 12.19 1.21 -8.52
CA ILE B 261 11.61 1.86 -9.71
C ILE B 261 10.37 2.64 -9.31
N GLN B 262 10.47 3.95 -9.45
CA GLN B 262 9.45 4.86 -8.92
C GLN B 262 8.38 5.29 -9.92
N THR B 263 8.61 5.20 -11.24
CA THR B 263 7.66 5.74 -12.22
C THR B 263 7.50 4.77 -13.38
N PRO B 264 6.35 4.75 -14.22
CA PRO B 264 5.94 3.99 -15.66
C PRO B 264 7.17 4.35 -16.51
N ASP B 265 7.70 5.58 -16.47
CA ASP B 265 8.76 5.92 -17.43
C ASP B 265 10.09 5.27 -17.06
N GLN B 266 10.44 5.23 -15.76
CA GLN B 266 11.66 4.53 -15.37
C GLN B 266 11.55 3.05 -15.67
N LEU B 267 10.36 2.49 -15.51
CA LEU B 267 10.15 1.08 -15.88
C LEU B 267 10.33 0.91 -17.39
N ARG B 268 9.71 1.78 -18.17
CA ARG B 268 9.87 1.71 -19.62
C ARG B 268 11.32 1.88 -20.03
N PHE B 269 12.01 2.87 -19.46
CA PHE B 269 13.45 3.01 -19.73
C PHE B 269 14.21 1.73 -19.41
N SER B 270 13.85 1.07 -18.33
CA SER B 270 14.52 -0.19 -17.95
C SER B 270 14.41 -1.22 -19.08
N TYR B 271 13.21 -1.38 -19.63
CA TYR B 271 13.01 -2.35 -20.73
C TYR B 271 13.90 -1.96 -21.91
N MET B 272 13.91 -0.69 -22.27
CA MET B 272 14.69 -0.25 -23.46
C MET B 272 16.18 -0.49 -23.24
N ALA B 273 16.68 -0.16 -22.06
CA ALA B 273 18.11 -0.35 -21.75
C ALA B 273 18.46 -1.83 -21.81
N ILE B 274 17.58 -2.68 -21.32
CA ILE B 274 17.83 -4.14 -21.34
C ILE B 274 17.83 -4.61 -22.80
N ILE B 275 16.89 -4.13 -23.59
CA ILE B 275 16.84 -4.57 -25.01
C ILE B 275 18.12 -4.12 -25.72
N GLU B 276 18.50 -2.86 -25.54
CA GLU B 276 19.71 -2.31 -26.21
C GLU B 276 20.96 -2.99 -25.67
N GLY B 277 21.03 -3.19 -24.35
CA GLY B 277 22.18 -3.82 -23.72
C GLY B 277 22.36 -5.24 -24.18
N ALA B 278 21.26 -5.95 -24.39
CA ALA B 278 21.26 -7.36 -24.87
C ALA B 278 21.92 -7.41 -26.24
N LYS B 279 21.65 -6.42 -27.10
CA LYS B 279 22.29 -6.41 -28.44
C LYS B 279 23.81 -6.35 -28.26
N CYS B 280 24.32 -5.54 -27.34
CA CYS B 280 25.79 -5.54 -27.07
C CYS B 280 26.11 -6.74 -26.18
N1 UB0 C . -5.74 -2.87 1.03
N3 UB0 C . 0.25 5.34 -1.93
C4 UB0 C . -15.86 -9.17 0.45
C5 UB0 C . -11.94 -9.05 2.48
C6 UB0 C . -10.82 -9.63 2.97
C7 UB0 C . -9.45 -9.09 2.99
C8 UB0 C . -8.99 -8.29 1.96
C10 UB0 C . -6.40 -5.75 1.19
C13 UB0 C . -6.02 -3.49 2.38
C15 UB0 C . -6.74 -2.53 3.32
C17 UB0 C . -4.04 -0.85 1.50
C20 UB0 C . -3.07 2.62 0.37
C21 UB0 C . -1.31 3.92 -0.70
C22 UB0 C . -0.77 4.32 -2.06
C24 UB0 C . 0.72 7.69 -1.45
C26 UB0 C . 2.82 8.75 -2.32
C28 UB0 C . 4.85 9.36 -1.16
N UB0 C . -7.45 -6.72 1.09
C UB0 C . -13.56 -12.35 3.42
O UB0 C . -12.92 -13.41 3.68
C1 UB0 C . -12.76 -11.11 3.26
C11 UB0 C . -6.25 -5.05 -0.14
C12 UB0 C . -5.36 -3.84 -0.02
C14 UB0 C . -4.68 -3.85 3.01
C16 UB0 C . -6.84 -4.76 2.24
C18 UB0 C . -3.81 0.63 1.51
C19 UB0 C . -3.20 1.25 0.43
C2 UB0 C . -13.07 -9.92 2.66
C23 UB0 C . -0.34 6.64 -1.72
C25 UB0 C . 1.72 7.76 -2.60
C27 UB0 C . 3.81 8.49 -1.37
C29 UB0 C . 4.91 10.53 -1.91
C3 UB0 C . -14.54 -9.72 0.92
C30 UB0 C . 5.10 12.66 -2.53
C31 UB0 C . 3.92 10.81 -2.81
C32 UB0 C . 2.89 9.94 -3.03
C33 UB0 C . 6.88 11.82 -1.02
C34 UB0 C . 7.98 12.31 -1.94
C35 UB0 C . 8.97 13.47 -0.07
C36 UB0 C . 7.87 13.01 0.82
C37 UB0 C . 6.59 12.80 0.04
C38 UB0 C . 2.24 6.37 -2.91
C39 UB0 C . 1.09 5.39 -3.10
C40 UB0 C . -3.57 3.40 1.40
C41 UB0 C . -4.16 2.79 2.49
C42 UB0 C . -4.26 1.41 2.55
C43 UB0 C . -6.95 -7.88 3.14
C44 UB0 C . -7.37 -8.74 4.14
C45 UB0 C . -8.62 -9.31 4.09
C9 UB0 C . -7.78 -7.63 2.05
N2 UB0 C . -2.42 3.20 -0.73
N4 UB0 C . 5.65 11.68 -1.77
N5 UB0 C . 8.92 13.08 -1.37
O1 UB0 C . -14.73 -12.32 3.41
O10 UB0 C . 8.01 12.02 -3.13
O11 UB0 C . 9.89 14.16 0.34
O2 UB0 C . -14.25 -9.59 2.30
O3 UB0 C . -16.17 -9.28 -0.66
O4 UB0 C . -16.60 -8.62 1.31
O5 UB0 C . -6.61 -0.61 1.43
O6 UB0 C . -5.45 -1.12 -0.65
O7 UB0 C . -0.75 4.25 0.32
O8 UB0 C . 5.48 13.78 -2.70
O9 UB0 C . 4.02 12.13 -3.20
S UB0 C . -11.07 -11.19 3.62
S1 UB0 C . -5.58 -1.30 0.74
CL UB0 C . -12.08 -7.52 1.75
C ACT D . -30.99 -15.68 7.63
O ACT D . -30.71 -14.70 8.28
OXT ACT D . -31.95 -15.74 6.85
CH3 ACT D . -30.11 -16.91 7.77
NA NA E . -31.04 -4.50 -13.26
N1 UB0 F . 5.85 2.54 -2.31
N3 UB0 F . -0.77 -5.68 -1.59
C4 UB0 F . 14.13 8.97 -8.01
C5 UB0 F . 11.80 8.88 -4.29
C6 UB0 F . 11.08 9.42 -3.29
C7 UB0 F . 9.90 8.84 -2.61
C8 UB0 F . 9.03 8.00 -3.30
C10 UB0 F . 6.47 5.42 -2.63
C13 UB0 F . 6.74 3.21 -1.30
C15 UB0 F . 7.86 2.31 -0.79
C17 UB0 F . 4.61 0.55 -1.08
C20 UB0 F . 3.26 -2.96 -1.39
C21 UB0 F . 1.20 -4.25 -1.37
C22 UB0 F . 0.05 -4.69 -2.26
C24 UB0 F . -0.93 -7.98 -0.79
C26 UB0 F . -3.18 -9.10 -0.57
C28 UB0 F . -4.37 -9.63 1.47
N UB0 F . 7.30 6.36 -3.30
C UB0 F . 13.68 12.08 -4.25
O UB0 F . 13.31 13.17 -3.75
C1 UB0 F . 12.87 10.89 -3.99
C11 UB0 F . 5.67 4.63 -3.66
C12 UB0 F . 4.94 3.47 -3.03
C14 UB0 F . 5.85 3.59 -0.13
C16 UB0 F . 7.37 4.47 -1.88
C18 UB0 F . 4.48 -0.94 -0.95
C19 UB0 F . 3.39 -1.59 -1.49
C2 UB0 F . 12.82 9.72 -4.69
C23 UB0 F . -0.11 -6.97 -1.57
C25 UB0 F . -2.33 -8.14 -1.36
C27 UB0 F . -3.60 -8.77 0.71
C29 UB0 F . -4.72 -10.85 0.93
C3 UB0 F . 13.21 9.54 -6.96
C30 UB0 F . -5.43 -12.93 0.48
C31 UB0 F . -4.30 -11.20 -0.34
C32 UB0 F . -3.54 -10.34 -1.10
C33 UB0 F . -6.03 -12.05 2.74
C34 UB0 F . -7.45 -12.51 2.61
C35 UB0 F . -7.27 -13.71 4.72
C36 UB0 F . -5.87 -13.24 4.88
C37 UB0 F . -5.18 -13.00 3.55
C38 UB0 F . -2.96 -6.76 -1.48
C39 UB0 F . -2.06 -5.80 -2.24
C40 UB0 F . 4.24 -3.70 -0.76
C41 UB0 F . 5.35 -3.05 -0.22
C42 UB0 F . 5.45 -1.68 -0.30
C43 UB0 F . 7.84 7.54 -1.28
C44 UB0 F . 8.64 8.44 -0.61
C45 UB0 F . 9.68 9.07 -1.26
C9 UB0 F . 8.04 7.31 -2.63
N2 UB0 F . 2.12 -3.52 -1.98
N4 UB0 F . -5.42 -11.95 1.42
N5 UB0 F . -7.94 -13.29 3.61
O1 UB0 F . 14.73 11.91 -4.74
O10 UB0 F . -8.14 -12.19 1.66
O11 UB0 F . -7.80 -14.44 5.52
O2 UB0 F . 13.66 9.41 -5.62
O3 UB0 F . 13.82 9.06 -9.13
O4 UB0 F . 15.20 8.40 -7.62
O5 UB0 F . 6.87 0.32 -2.29
O6 UB0 F . 4.89 0.76 -3.65
O7 UB0 F . 1.25 -4.57 -0.21
O8 UB0 F . -5.96 -14.00 0.52
O9 UB0 F . -4.73 -12.48 -0.62
S UB0 F . 11.63 10.95 -2.80
S1 UB0 F . 5.64 0.99 -2.46
CL UB0 F . 11.60 7.36 -5.01
C ACT G . 30.67 15.58 -9.72
O ACT G . 30.01 16.44 -9.15
OXT ACT G . 30.89 14.47 -9.24
CH3 ACT G . 31.21 15.91 -11.11
#